data_8YSQ
#
_entry.id   8YSQ
#
_cell.length_a   37.468
_cell.length_b   43.126
_cell.length_c   45.047
_cell.angle_alpha   77.745
_cell.angle_beta   67.352
_cell.angle_gamma   74.926
#
_symmetry.space_group_name_H-M   'P 1'
#
loop_
_entity.id
_entity.type
_entity.pdbx_description
1 polymer 'SAVED domain-containing protein'
2 water water
#
_entity_poly.entity_id   1
_entity_poly.type   'polypeptide(L)'
_entity_poly.pdbx_seq_one_letter_code
;MSDPEQASPAATVQQTKAKYTKLPRPPIPEQTKRELWARAAGRCQFRGCNKLLYRDEVAKEAHNGATIAHIVAYSPDGPR
GDTTRSEKLEKDISNLMLTCKTHGDHIDTLELVERYPEALLLEFKRDHEERVRNATAAVDSDKTTILIVQGAVSGKRVEV
EPEQARKAIKPRWPANDGETLIDLNDLAIGEGRAAYWEVATEKIKAEAKQLLRRPAGQQPPQHLSIFALAPIPLLVLLGA
EVNRVDVDLFQKHRGKSADTWCWDEGEPDADDDLKVFVPAELPGEIEDAAIIVSMTSIVDRKAVASAIGHPHHAFEIKAR
KPGPTFLKYRSQLTSFSNELYTILTTIRDDFRRVKRLHLILACPAPIAVEVGRSLIEKADPEAHVYEYLSPSYRRVLTIN
PKEGN
;
_entity_poly.pdbx_strand_id   A
#
# COMPACT_ATOMS: atom_id res chain seq x y z
N SER A 141 -24.43 -7.07 -2.42
CA SER A 141 -24.35 -8.49 -2.07
C SER A 141 -23.88 -9.32 -3.26
N ASP A 142 -23.10 -8.70 -4.14
CA ASP A 142 -22.60 -9.40 -5.30
C ASP A 142 -21.42 -10.30 -4.92
N LYS A 143 -21.08 -11.21 -5.83
CA LYS A 143 -19.91 -12.04 -5.68
C LYS A 143 -18.64 -11.18 -5.66
N THR A 144 -17.62 -11.65 -4.94
CA THR A 144 -16.32 -11.02 -4.92
C THR A 144 -15.27 -12.12 -4.81
N THR A 145 -14.06 -11.82 -5.27
CA THR A 145 -12.94 -12.75 -5.16
C THR A 145 -12.03 -12.30 -4.01
N ILE A 146 -11.87 -13.14 -3.00
CA ILE A 146 -11.04 -12.81 -1.85
C ILE A 146 -9.59 -13.12 -2.17
N LEU A 147 -8.74 -12.12 -2.04
CA LEU A 147 -7.28 -12.26 -2.15
C LEU A 147 -6.69 -12.03 -0.77
N ILE A 148 -5.98 -13.03 -0.25
CA ILE A 148 -5.23 -12.92 0.98
C ILE A 148 -3.75 -12.81 0.62
N VAL A 149 -3.08 -11.80 1.16
CA VAL A 149 -1.64 -11.63 0.98
C VAL A 149 -1.02 -11.58 2.37
N GLN A 150 -0.05 -12.45 2.64
CA GLN A 150 0.50 -12.57 3.99
C GLN A 150 1.99 -12.88 3.93
N GLY A 151 2.78 -12.19 4.74
CA GLY A 151 4.16 -12.58 4.88
C GLY A 151 4.98 -11.53 5.63
N ALA A 152 6.29 -11.77 5.62
CA ALA A 152 7.27 -10.93 6.30
C ALA A 152 8.64 -11.29 5.74
N VAL A 153 9.57 -10.35 5.84
CA VAL A 153 10.91 -10.55 5.33
C VAL A 153 11.59 -11.71 6.08
N SER A 154 11.40 -11.77 7.39
CA SER A 154 11.88 -12.88 8.20
C SER A 154 11.15 -12.84 9.54
N GLY A 155 11.46 -13.81 10.39
CA GLY A 155 10.84 -13.86 11.70
C GLY A 155 9.56 -14.66 11.74
N LYS A 156 8.68 -14.28 12.66
CA LYS A 156 7.47 -15.05 12.93
C LYS A 156 6.57 -15.12 11.70
N ARG A 157 5.92 -16.27 11.52
CA ARG A 157 5.00 -16.44 10.40
C ARG A 157 3.83 -15.48 10.53
N VAL A 158 3.49 -14.81 9.44
CA VAL A 158 2.37 -13.88 9.38
C VAL A 158 1.27 -14.53 8.56
N GLU A 159 0.07 -14.60 9.15
CA GLU A 159 -1.07 -15.28 8.54
C GLU A 159 -2.33 -14.47 8.75
N VAL A 160 -3.19 -14.46 7.73
CA VAL A 160 -4.51 -13.87 7.80
C VAL A 160 -5.51 -14.99 7.99
N GLU A 161 -6.36 -14.87 9.01
CA GLU A 161 -7.40 -15.87 9.25
C GLU A 161 -8.51 -15.71 8.21
N PRO A 162 -8.72 -16.69 7.32
CA PRO A 162 -9.72 -16.50 6.26
C PRO A 162 -11.16 -16.42 6.75
N GLU A 163 -11.50 -17.03 7.89
CA GLU A 163 -12.85 -16.86 8.43
C GLU A 163 -13.13 -15.40 8.75
N GLN A 164 -12.12 -14.65 9.19
CA GLN A 164 -12.33 -13.25 9.52
C GLN A 164 -12.53 -12.40 8.28
N ALA A 165 -11.80 -12.72 7.20
CA ALA A 165 -12.01 -12.01 5.94
C ALA A 165 -13.38 -12.33 5.35
N ARG A 166 -13.80 -13.60 5.47
CA ARG A 166 -15.12 -13.97 4.99
C ARG A 166 -16.19 -13.22 5.75
N LYS A 167 -16.02 -13.05 7.06
CA LYS A 167 -16.97 -12.24 7.81
C LYS A 167 -16.94 -10.78 7.35
N ALA A 168 -15.73 -10.28 7.04
CA ALA A 168 -15.59 -8.88 6.67
C ALA A 168 -16.26 -8.57 5.34
N ILE A 169 -16.38 -9.54 4.42
CA ILE A 169 -16.95 -9.18 3.13
C ILE A 169 -18.48 -9.20 3.11
N LYS A 170 -19.11 -9.80 4.13
CA LYS A 170 -20.57 -9.86 4.16
C LYS A 170 -21.17 -8.45 4.06
N PRO A 171 -22.29 -8.26 3.34
CA PRO A 171 -23.14 -9.31 2.75
C PRO A 171 -22.67 -9.94 1.44
N ARG A 172 -21.54 -9.51 0.89
CA ARG A 172 -21.03 -10.18 -0.30
C ARG A 172 -20.59 -11.60 0.06
N TRP A 173 -20.33 -12.41 -0.96
CA TRP A 173 -19.97 -13.80 -0.69
C TRP A 173 -18.80 -14.22 -1.57
N PRO A 174 -17.96 -15.14 -1.08
CA PRO A 174 -16.73 -15.48 -1.79
C PRO A 174 -17.01 -16.33 -3.03
N ALA A 175 -16.49 -15.89 -4.16
CA ALA A 175 -16.47 -16.73 -5.34
C ALA A 175 -15.80 -18.06 -5.00
N ASN A 176 -16.39 -19.15 -5.48
CA ASN A 176 -15.88 -20.50 -5.27
C ASN A 176 -15.80 -20.88 -3.79
N ASP A 177 -16.43 -20.11 -2.90
CA ASP A 177 -16.49 -20.38 -1.47
C ASP A 177 -15.13 -20.30 -0.79
N GLY A 178 -14.16 -19.63 -1.43
CA GLY A 178 -12.80 -19.64 -0.94
C GLY A 178 -12.02 -18.38 -1.22
N GLU A 179 -10.70 -18.48 -1.27
CA GLU A 179 -9.82 -17.33 -1.46
C GLU A 179 -8.67 -17.72 -2.37
N THR A 180 -7.99 -16.70 -2.89
CA THR A 180 -6.67 -16.86 -3.48
C THR A 180 -5.64 -16.33 -2.49
N LEU A 181 -4.56 -17.08 -2.31
CA LEU A 181 -3.55 -16.79 -1.30
C LEU A 181 -2.21 -16.50 -1.96
N ILE A 182 -1.60 -15.38 -1.59
CA ILE A 182 -0.21 -15.10 -1.91
C ILE A 182 0.55 -15.12 -0.59
N ASP A 183 1.35 -16.17 -0.39
CA ASP A 183 2.12 -16.32 0.84
C ASP A 183 3.56 -15.85 0.59
N LEU A 184 4.02 -14.95 1.44
CA LEU A 184 5.35 -14.37 1.32
C LEU A 184 6.16 -14.62 2.59
N ASN A 185 5.89 -15.74 3.27
CA ASN A 185 6.69 -16.19 4.40
C ASN A 185 7.76 -17.16 3.91
N ASP A 186 8.92 -17.10 4.58
CA ASP A 186 9.96 -18.11 4.39
C ASP A 186 10.38 -18.23 2.92
N LEU A 187 10.60 -17.08 2.30
CA LEU A 187 11.23 -17.04 0.99
C LEU A 187 12.73 -16.83 1.16
N ALA A 188 13.51 -17.47 0.29
CA ALA A 188 14.95 -17.21 0.21
C ALA A 188 15.62 -17.34 1.58
N ILE A 189 15.27 -18.39 2.32
CA ILE A 189 15.73 -18.53 3.70
C ILE A 189 17.25 -18.57 3.73
N GLY A 190 17.84 -17.73 4.58
CA GLY A 190 19.28 -17.68 4.71
C GLY A 190 20.02 -17.01 3.58
N GLU A 191 19.33 -16.41 2.61
CA GLU A 191 19.98 -15.85 1.44
C GLU A 191 20.13 -14.34 1.49
N GLY A 192 19.65 -13.68 2.54
CA GLY A 192 19.78 -12.25 2.67
C GLY A 192 18.54 -11.50 2.18
N ARG A 193 18.52 -10.21 2.52
CA ARG A 193 17.30 -9.42 2.30
C ARG A 193 17.04 -9.20 0.81
N ALA A 194 18.09 -8.96 0.03
CA ALA A 194 17.90 -8.66 -1.39
C ALA A 194 17.30 -9.85 -2.13
N ALA A 195 17.73 -11.07 -1.76
CA ALA A 195 17.15 -12.28 -2.36
C ALA A 195 15.68 -12.40 -2.01
N TYR A 196 15.32 -12.04 -0.77
CA TYR A 196 13.90 -12.03 -0.41
C TYR A 196 13.13 -11.08 -1.30
N TRP A 197 13.59 -9.83 -1.43
CA TRP A 197 12.83 -8.89 -2.25
C TRP A 197 12.71 -9.38 -3.69
N GLU A 198 13.77 -9.99 -4.23
CA GLU A 198 13.70 -10.50 -5.60
C GLU A 198 12.64 -11.59 -5.73
N VAL A 199 12.70 -12.61 -4.87
CA VAL A 199 11.76 -13.72 -4.96
C VAL A 199 10.34 -13.21 -4.75
N ALA A 200 10.15 -12.33 -3.77
CA ALA A 200 8.82 -11.87 -3.44
C ALA A 200 8.25 -10.99 -4.53
N THR A 201 9.08 -10.12 -5.13
CA THR A 201 8.61 -9.31 -6.25
C THR A 201 8.14 -10.18 -7.40
N GLU A 202 8.94 -11.19 -7.77
CA GLU A 202 8.50 -12.04 -8.87
C GLU A 202 7.25 -12.82 -8.50
N LYS A 203 7.12 -13.23 -7.24
CA LYS A 203 5.93 -13.98 -6.85
C LYS A 203 4.68 -13.09 -6.91
N ILE A 204 4.78 -11.86 -6.43
CA ILE A 204 3.64 -10.94 -6.51
C ILE A 204 3.23 -10.72 -7.94
N LYS A 205 4.21 -10.49 -8.83
CA LYS A 205 3.85 -10.24 -10.23
C LYS A 205 3.19 -11.46 -10.85
N ALA A 206 3.75 -12.65 -10.61
CA ALA A 206 3.21 -13.87 -11.22
C ALA A 206 1.84 -14.21 -10.67
N GLU A 207 1.65 -14.02 -9.37
CA GLU A 207 0.38 -14.35 -8.74
C GLU A 207 -0.71 -13.34 -9.09
N ALA A 208 -0.37 -12.05 -9.21
CA ALA A 208 -1.36 -11.09 -9.65
C ALA A 208 -1.79 -11.38 -11.09
N LYS A 209 -0.84 -11.71 -11.96
CA LYS A 209 -1.19 -12.08 -13.32
C LYS A 209 -2.09 -13.31 -13.35
N GLN A 210 -1.74 -14.34 -12.56
CA GLN A 210 -2.59 -15.53 -12.49
C GLN A 210 -3.99 -15.18 -11.99
N LEU A 211 -4.07 -14.36 -10.95
CA LEU A 211 -5.35 -14.00 -10.34
C LEU A 211 -6.26 -13.33 -11.36
N LEU A 212 -5.70 -12.50 -12.23
CA LEU A 212 -6.52 -11.78 -13.19
C LEU A 212 -6.76 -12.55 -14.49
N ARG A 213 -6.15 -13.73 -14.66
CA ARG A 213 -6.35 -14.54 -15.86
C ARG A 213 -7.74 -15.18 -15.89
N ARG A 214 -8.29 -15.33 -17.08
CA ARG A 214 -9.56 -16.03 -17.27
C ARG A 214 -9.41 -17.53 -16.98
N PRO A 215 -10.14 -18.10 -16.03
CA PRO A 215 -10.23 -19.56 -15.96
C PRO A 215 -10.99 -20.09 -17.17
N ALA A 216 -10.77 -21.37 -17.46
CA ALA A 216 -11.41 -22.00 -18.62
C ALA A 216 -12.92 -21.85 -18.54
N GLY A 217 -13.51 -21.26 -19.58
CA GLY A 217 -14.95 -21.14 -19.68
C GLY A 217 -15.57 -20.10 -18.78
N GLN A 218 -14.77 -19.30 -18.09
CA GLN A 218 -15.28 -18.30 -17.16
C GLN A 218 -14.69 -16.94 -17.50
N GLN A 219 -15.23 -15.92 -16.87
CA GLN A 219 -14.68 -14.59 -16.99
C GLN A 219 -13.61 -14.38 -15.95
N PRO A 220 -12.71 -13.41 -16.15
CA PRO A 220 -11.76 -13.07 -15.11
C PRO A 220 -12.47 -12.42 -13.94
N PRO A 221 -11.89 -12.47 -12.75
CA PRO A 221 -12.51 -11.82 -11.59
C PRO A 221 -12.79 -10.36 -11.88
N GLN A 222 -13.96 -9.89 -11.43
CA GLN A 222 -14.39 -8.53 -11.66
C GLN A 222 -14.21 -7.64 -10.45
N HIS A 223 -13.98 -8.23 -9.27
CA HIS A 223 -13.86 -7.48 -8.03
C HIS A 223 -12.99 -8.28 -7.06
N LEU A 224 -11.97 -7.63 -6.50
CA LEU A 224 -11.12 -8.23 -5.49
C LEU A 224 -11.41 -7.62 -4.12
N SER A 225 -11.55 -8.47 -3.13
CA SER A 225 -11.55 -8.06 -1.73
C SER A 225 -10.20 -8.50 -1.15
N ILE A 226 -9.36 -7.52 -0.81
CA ILE A 226 -7.95 -7.79 -0.52
C ILE A 226 -7.72 -7.66 0.99
N PHE A 227 -7.18 -8.72 1.58
CA PHE A 227 -6.84 -8.78 2.99
C PHE A 227 -5.34 -9.05 3.08
N ALA A 228 -4.58 -8.02 3.46
CA ALA A 228 -3.14 -8.04 3.32
C ALA A 228 -2.44 -7.69 4.64
N LEU A 229 -1.48 -8.52 5.00
CA LEU A 229 -0.51 -8.27 6.08
C LEU A 229 0.85 -8.69 5.54
N ALA A 230 1.65 -7.72 5.11
CA ALA A 230 2.86 -8.03 4.36
C ALA A 230 3.74 -6.79 4.35
N PRO A 231 5.01 -6.93 3.98
CA PRO A 231 5.89 -5.74 3.96
C PRO A 231 5.35 -4.64 3.08
N ILE A 232 5.46 -3.40 3.58
CA ILE A 232 4.90 -2.25 2.87
C ILE A 232 5.33 -2.17 1.40
N PRO A 233 6.62 -2.31 1.05
CA PRO A 233 6.98 -2.15 -0.37
C PRO A 233 6.31 -3.17 -1.29
N LEU A 234 6.15 -4.40 -0.80
CA LEU A 234 5.48 -5.42 -1.59
C LEU A 234 3.99 -5.14 -1.74
N LEU A 235 3.38 -4.45 -0.77
CA LEU A 235 1.98 -4.09 -0.94
C LEU A 235 1.81 -2.90 -1.89
N VAL A 236 2.79 -1.98 -1.94
CA VAL A 236 2.76 -0.98 -3.01
C VAL A 236 2.83 -1.66 -4.37
N LEU A 237 3.77 -2.59 -4.54
CA LEU A 237 3.86 -3.35 -5.79
C LEU A 237 2.54 -4.06 -6.08
N LEU A 238 1.94 -4.71 -5.08
CA LEU A 238 0.67 -5.39 -5.30
C LEU A 238 -0.39 -4.44 -5.82
N GLY A 239 -0.55 -3.29 -5.15
CA GLY A 239 -1.55 -2.33 -5.59
C GLY A 239 -1.34 -1.90 -7.04
N ALA A 240 -0.08 -1.73 -7.43
CA ALA A 240 0.19 -1.37 -8.82
C ALA A 240 -0.16 -2.52 -9.77
N GLU A 241 0.09 -3.77 -9.35
CA GLU A 241 -0.16 -4.89 -10.26
C GLU A 241 -1.65 -5.19 -10.43
N VAL A 242 -2.51 -4.78 -9.50
CA VAL A 242 -3.94 -5.03 -9.67
C VAL A 242 -4.69 -3.72 -9.92
N ASN A 243 -4.01 -2.72 -10.49
CA ASN A 243 -4.62 -1.40 -10.61
C ASN A 243 -5.70 -1.32 -11.69
N ARG A 244 -5.86 -2.34 -12.53
CA ARG A 244 -6.87 -2.31 -13.59
C ARG A 244 -8.18 -2.98 -13.20
N VAL A 245 -8.34 -3.42 -11.96
CA VAL A 245 -9.56 -4.08 -11.51
C VAL A 245 -10.09 -3.34 -10.28
N ASP A 246 -11.42 -3.33 -10.15
CA ASP A 246 -12.07 -2.79 -8.96
C ASP A 246 -11.69 -3.60 -7.72
N VAL A 247 -11.40 -2.90 -6.62
CA VAL A 247 -10.97 -3.57 -5.39
C VAL A 247 -11.67 -2.96 -4.17
N ASP A 248 -11.84 -3.79 -3.15
CA ASP A 248 -12.14 -3.35 -1.79
C ASP A 248 -10.95 -3.68 -0.90
N LEU A 249 -10.45 -2.68 -0.19
CA LEU A 249 -9.33 -2.87 0.74
C LEU A 249 -9.84 -2.89 2.17
N PHE A 250 -9.09 -3.59 3.04
CA PHE A 250 -9.52 -3.84 4.41
C PHE A 250 -8.35 -3.68 5.36
N GLN A 251 -8.68 -3.37 6.60
CA GLN A 251 -7.71 -3.07 7.65
C GLN A 251 -7.90 -4.03 8.80
N LYS A 252 -6.81 -4.68 9.22
CA LYS A 252 -6.84 -5.45 10.46
C LYS A 252 -6.88 -4.46 11.61
N HIS A 253 -7.98 -4.44 12.36
CA HIS A 253 -8.17 -3.47 13.42
C HIS A 253 -7.56 -4.01 14.70
N ARG A 254 -6.44 -3.42 15.11
CA ARG A 254 -5.87 -3.72 16.41
C ARG A 254 -6.62 -2.91 17.45
N GLY A 255 -7.14 -3.59 18.46
CA GLY A 255 -7.97 -2.97 19.45
C GLY A 255 -9.44 -3.29 19.26
N LYS A 256 -9.82 -3.70 18.06
CA LYS A 256 -11.19 -4.09 17.75
C LYS A 256 -11.07 -5.59 17.59
N SER A 257 -11.20 -6.27 18.72
CA SER A 257 -10.96 -7.69 18.83
C SER A 257 -12.02 -8.58 18.19
N ALA A 258 -13.19 -8.05 17.86
CA ALA A 258 -14.19 -8.83 17.13
C ALA A 258 -14.46 -8.10 15.82
N ASP A 259 -14.81 -8.88 14.79
CA ASP A 259 -14.96 -8.31 13.46
C ASP A 259 -13.67 -7.57 13.13
N THR A 260 -12.55 -8.28 13.34
CA THR A 260 -11.23 -7.66 13.27
C THR A 260 -10.96 -7.03 11.90
N TRP A 261 -11.34 -7.69 10.82
CA TRP A 261 -11.08 -7.12 9.51
C TRP A 261 -12.23 -6.23 9.03
N CYS A 262 -13.32 -6.15 9.79
CA CYS A 262 -14.43 -5.30 9.42
C CYS A 262 -14.10 -3.84 9.67
N TRP A 263 -14.52 -2.98 8.75
CA TRP A 263 -14.42 -1.55 9.00
C TRP A 263 -15.35 -1.15 10.13
N ASP A 264 -14.90 -0.21 10.95
CA ASP A 264 -15.65 0.18 12.15
C ASP A 264 -16.92 0.92 11.76
N GLU A 265 -17.99 0.67 12.52
CA GLU A 265 -19.12 1.57 12.46
C GLU A 265 -18.78 2.85 13.22
N GLY A 266 -19.50 3.90 12.90
CA GLY A 266 -19.30 5.17 13.56
C GLY A 266 -18.70 6.19 12.62
N GLU A 267 -18.38 7.35 13.19
CA GLU A 267 -17.79 8.43 12.41
C GLU A 267 -16.43 8.80 12.98
N PRO A 268 -15.49 9.21 12.13
CA PRO A 268 -14.17 9.61 12.63
C PRO A 268 -14.27 10.85 13.51
N ASP A 269 -13.40 10.92 14.49
CA ASP A 269 -13.27 12.10 15.33
C ASP A 269 -12.19 13.02 14.76
N ALA A 270 -11.92 14.12 15.47
CA ALA A 270 -10.93 15.08 15.00
C ALA A 270 -9.53 14.49 14.91
N ASP A 271 -9.18 13.55 15.78
CA ASP A 271 -7.85 12.96 15.70
C ASP A 271 -7.69 12.03 14.50
N ASP A 272 -8.78 11.79 13.76
CA ASP A 272 -8.82 10.77 12.72
C ASP A 272 -8.67 11.33 11.31
N ASP A 273 -8.47 12.64 11.14
CA ASP A 273 -8.36 13.18 9.79
C ASP A 273 -6.89 13.38 9.43
N LEU A 274 -6.66 13.90 8.23
CA LEU A 274 -5.33 14.06 7.65
C LEU A 274 -4.93 15.53 7.56
N LYS A 275 -3.63 15.78 7.64
CA LYS A 275 -3.01 17.06 7.33
C LYS A 275 -2.06 16.83 6.16
N VAL A 276 -2.01 17.78 5.24
CA VAL A 276 -1.21 17.64 4.03
C VAL A 276 -0.25 18.81 3.93
N PHE A 277 1.05 18.51 3.97
CA PHE A 277 2.10 19.50 3.87
C PHE A 277 2.74 19.41 2.49
N VAL A 278 2.87 20.55 1.82
CA VAL A 278 3.43 20.58 0.47
C VAL A 278 4.62 21.53 0.48
N PRO A 279 5.51 21.42 -0.52
CA PRO A 279 6.75 22.21 -0.48
C PRO A 279 6.49 23.70 -0.38
N ALA A 280 7.35 24.38 0.37
CA ALA A 280 7.31 25.84 0.43
C ALA A 280 7.95 26.50 -0.77
N GLU A 281 8.77 25.77 -1.54
CA GLU A 281 9.50 26.35 -2.66
C GLU A 281 8.88 25.95 -3.99
N LEU A 282 9.05 26.82 -4.98
CA LEU A 282 8.56 26.54 -6.32
C LEU A 282 9.25 25.31 -6.90
N PRO A 283 8.58 24.58 -7.80
CA PRO A 283 9.19 23.35 -8.36
C PRO A 283 10.58 23.57 -8.95
N GLY A 284 10.74 24.53 -9.86
CA GLY A 284 12.06 24.73 -10.43
C GLY A 284 12.53 23.50 -11.20
N GLU A 285 13.85 23.29 -11.17
CA GLU A 285 14.49 22.22 -11.92
C GLU A 285 14.80 20.99 -11.06
N ILE A 286 14.29 20.95 -9.82
CA ILE A 286 14.46 19.78 -8.98
C ILE A 286 13.88 18.55 -9.69
N GLU A 287 14.63 17.44 -9.66
CA GLU A 287 14.26 16.24 -10.39
C GLU A 287 13.67 15.16 -9.51
N ASP A 288 13.50 15.41 -8.21
CA ASP A 288 13.14 14.37 -7.26
C ASP A 288 12.05 14.87 -6.32
N ALA A 289 10.99 14.07 -6.18
CA ALA A 289 9.90 14.41 -5.27
C ALA A 289 9.64 13.22 -4.35
N ALA A 290 9.57 13.49 -3.05
CA ALA A 290 9.24 12.48 -2.06
C ALA A 290 7.77 12.62 -1.69
N ILE A 291 7.09 11.49 -1.58
CA ILE A 291 5.75 11.43 -1.01
C ILE A 291 5.85 10.64 0.28
N ILE A 292 5.58 11.31 1.39
CA ILE A 292 5.78 10.77 2.72
C ILE A 292 4.41 10.58 3.36
N VAL A 293 4.19 9.40 3.92
CA VAL A 293 2.94 9.13 4.63
C VAL A 293 3.31 8.84 6.08
N SER A 294 2.91 9.73 6.98
CA SER A 294 3.17 9.60 8.41
C SER A 294 1.84 9.26 9.10
N MET A 295 1.49 7.98 9.07
CA MET A 295 0.21 7.52 9.61
C MET A 295 0.39 6.68 10.86
N THR A 296 1.20 5.63 10.78
CA THR A 296 1.49 4.83 11.97
C THR A 296 2.48 5.55 12.89
N SER A 297 3.35 6.39 12.33
CA SER A 297 4.31 7.15 13.11
C SER A 297 4.71 8.36 12.29
N ILE A 298 5.46 9.26 12.91
CA ILE A 298 5.98 10.43 12.21
C ILE A 298 7.28 10.06 11.50
N VAL A 299 7.36 10.36 10.21
CA VAL A 299 8.56 10.10 9.43
C VAL A 299 9.53 11.26 9.61
N ASP A 300 10.80 10.95 9.87
CA ASP A 300 11.83 11.95 10.08
C ASP A 300 12.37 12.44 8.74
N ARG A 301 12.24 13.75 8.48
CA ARG A 301 12.66 14.32 7.20
C ARG A 301 14.16 14.14 6.95
N LYS A 302 14.96 14.14 8.02
CA LYS A 302 16.41 13.98 7.85
C LYS A 302 16.75 12.56 7.38
N ALA A 303 16.05 11.55 7.89
CA ALA A 303 16.26 10.19 7.42
C ALA A 303 15.82 10.04 5.96
N VAL A 304 14.71 10.69 5.60
CA VAL A 304 14.27 10.67 4.20
C VAL A 304 15.33 11.27 3.30
N ALA A 305 15.85 12.44 3.69
CA ALA A 305 16.89 13.09 2.88
C ALA A 305 18.12 12.21 2.74
N SER A 306 18.53 11.54 3.83
CA SER A 306 19.70 10.66 3.73
C SER A 306 19.43 9.49 2.80
N ALA A 307 18.22 8.95 2.83
CA ALA A 307 17.92 7.79 1.99
C ALA A 307 17.82 8.16 0.51
N ILE A 308 17.22 9.32 0.21
CA ILE A 308 17.00 9.68 -1.19
C ILE A 308 18.31 10.04 -1.88
N GLY A 309 19.14 10.85 -1.23
CA GLY A 309 20.42 11.19 -1.82
C GLY A 309 20.34 12.10 -3.03
N HIS A 310 19.37 13.01 -3.05
CA HIS A 310 19.18 14.00 -4.10
C HIS A 310 18.46 15.18 -3.47
N PRO A 311 18.73 16.40 -3.93
CA PRO A 311 17.84 17.51 -3.60
C PRO A 311 16.44 17.17 -4.07
N HIS A 312 15.44 17.49 -3.24
CA HIS A 312 14.11 17.01 -3.54
C HIS A 312 13.05 17.91 -2.92
N HIS A 313 11.85 17.86 -3.51
CA HIS A 313 10.65 18.42 -2.90
C HIS A 313 10.01 17.32 -2.07
N ALA A 314 9.32 17.71 -1.00
CA ALA A 314 8.61 16.73 -0.18
C ALA A 314 7.15 17.10 -0.03
N PHE A 315 6.28 16.11 -0.21
CA PHE A 315 4.85 16.21 0.08
C PHE A 315 4.55 15.19 1.17
N GLU A 316 3.79 15.59 2.19
CA GLU A 316 3.57 14.70 3.32
C GLU A 316 2.10 14.64 3.69
N ILE A 317 1.56 13.43 3.77
CA ILE A 317 0.22 13.18 4.30
C ILE A 317 0.41 12.64 5.70
N LYS A 318 -0.07 13.38 6.71
CA LYS A 318 0.20 13.06 8.10
C LYS A 318 -1.12 12.87 8.84
N ALA A 319 -1.23 11.76 9.56
CA ALA A 319 -2.33 11.57 10.50
C ALA A 319 -2.30 12.68 11.54
N ARG A 320 -3.48 13.16 11.94
CA ARG A 320 -3.51 14.19 12.97
C ARG A 320 -3.01 13.62 14.29
N LYS A 321 -3.35 12.37 14.59
CA LYS A 321 -2.79 11.64 15.73
C LYS A 321 -2.19 10.36 15.19
N PRO A 322 -0.90 10.36 14.82
CA PRO A 322 -0.29 9.14 14.27
C PRO A 322 -0.26 8.03 15.30
N GLY A 323 -0.37 6.79 14.82
CA GLY A 323 -0.36 5.65 15.69
C GLY A 323 -0.95 4.41 15.03
N PRO A 324 -0.81 3.26 15.70
CA PRO A 324 -1.19 1.98 15.10
C PRO A 324 -2.69 1.76 14.98
N THR A 325 -3.53 2.54 15.66
CA THR A 325 -4.98 2.42 15.54
C THR A 325 -5.62 3.63 14.86
N PHE A 326 -4.82 4.43 14.15
CA PHE A 326 -5.38 5.58 13.45
C PHE A 326 -6.46 5.16 12.45
N LEU A 327 -6.19 4.12 11.66
CA LEU A 327 -7.05 3.75 10.55
C LEU A 327 -8.15 2.80 11.04
N LYS A 328 -9.40 3.28 11.08
CA LYS A 328 -10.51 2.49 11.58
C LYS A 328 -11.74 2.50 10.68
N TYR A 329 -11.96 3.58 9.93
CA TYR A 329 -13.18 3.76 9.15
C TYR A 329 -12.86 3.80 7.66
N ARG A 330 -13.76 3.22 6.85
CA ARG A 330 -13.54 3.23 5.41
C ARG A 330 -13.45 4.65 4.86
N SER A 331 -14.14 5.61 5.50
CA SER A 331 -14.05 6.99 5.05
C SER A 331 -12.62 7.53 5.16
N GLN A 332 -11.82 7.02 6.09
CA GLN A 332 -10.42 7.45 6.18
C GLN A 332 -9.63 6.98 4.97
N LEU A 333 -9.91 5.76 4.50
CA LEU A 333 -9.23 5.27 3.31
C LEU A 333 -9.62 6.12 2.10
N THR A 334 -10.91 6.47 2.01
CA THR A 334 -11.33 7.33 0.90
C THR A 334 -10.66 8.70 0.97
N SER A 335 -10.58 9.27 2.18
CA SER A 335 -9.92 10.56 2.36
C SER A 335 -8.46 10.49 1.94
N PHE A 336 -7.75 9.44 2.39
CA PHE A 336 -6.36 9.29 2.00
C PHE A 336 -6.21 9.21 0.50
N SER A 337 -7.04 8.39 -0.16
CA SER A 337 -6.94 8.25 -1.60
C SER A 337 -7.12 9.60 -2.29
N ASN A 338 -8.09 10.40 -1.83
CA ASN A 338 -8.34 11.69 -2.48
C ASN A 338 -7.19 12.67 -2.25
N GLU A 339 -6.60 12.67 -1.05
CA GLU A 339 -5.48 13.58 -0.81
C GLU A 339 -4.25 13.16 -1.61
N LEU A 340 -4.01 11.86 -1.70
CA LEU A 340 -2.90 11.39 -2.53
C LEU A 340 -3.13 11.77 -3.98
N TYR A 341 -4.37 11.64 -4.47
CA TYR A 341 -4.63 12.00 -5.85
C TYR A 341 -4.31 13.46 -6.10
N THR A 342 -4.71 14.34 -5.18
CA THR A 342 -4.39 15.76 -5.34
C THR A 342 -2.87 15.97 -5.42
N ILE A 343 -2.11 15.28 -4.56
CA ILE A 343 -0.65 15.43 -4.60
C ILE A 343 -0.08 14.92 -5.93
N LEU A 344 -0.56 13.77 -6.39
CA LEU A 344 -0.03 13.23 -7.63
C LEU A 344 -0.36 14.13 -8.81
N THR A 345 -1.58 14.67 -8.83
CA THR A 345 -1.98 15.63 -9.84
C THR A 345 -1.10 16.88 -9.81
N THR A 346 -0.82 17.40 -8.62
CA THR A 346 0.06 18.57 -8.52
C THR A 346 1.43 18.26 -9.09
N ILE A 347 1.98 17.07 -8.80
CA ILE A 347 3.30 16.75 -9.32
C ILE A 347 3.26 16.55 -10.84
N ARG A 348 2.17 15.96 -11.34
CA ARG A 348 2.07 15.70 -12.77
C ARG A 348 1.92 17.00 -13.56
N ASP A 349 1.18 17.97 -13.01
CA ASP A 349 0.90 19.21 -13.71
C ASP A 349 1.97 20.28 -13.50
N ASP A 350 2.45 20.47 -12.27
CA ASP A 350 3.29 21.61 -11.92
C ASP A 350 4.75 21.26 -11.70
N PHE A 351 5.06 20.04 -11.29
CA PHE A 351 6.43 19.61 -11.02
C PHE A 351 6.91 18.72 -12.16
N ARG A 352 7.03 19.32 -13.35
CA ARG A 352 7.26 18.55 -14.56
C ARG A 352 8.71 18.12 -14.74
N ARG A 353 9.65 18.74 -14.05
CA ARG A 353 11.03 18.29 -14.10
C ARG A 353 11.29 17.06 -13.24
N VAL A 354 10.34 16.69 -12.38
CA VAL A 354 10.52 15.55 -11.49
C VAL A 354 10.59 14.28 -12.33
N LYS A 355 11.71 13.57 -12.23
CA LYS A 355 11.92 12.32 -12.94
C LYS A 355 11.90 11.10 -12.04
N ARG A 356 11.83 11.28 -10.73
CA ARG A 356 11.82 10.18 -9.78
C ARG A 356 10.89 10.51 -8.62
N LEU A 357 9.97 9.61 -8.32
CA LEU A 357 9.22 9.66 -7.07
C LEU A 357 9.91 8.78 -6.03
N HIS A 358 9.79 9.18 -4.77
CA HIS A 358 10.32 8.43 -3.64
C HIS A 358 9.22 8.25 -2.61
N LEU A 359 8.79 7.02 -2.41
CA LEU A 359 7.65 6.71 -1.56
C LEU A 359 8.17 6.24 -0.21
N ILE A 360 7.98 7.06 0.82
CA ILE A 360 8.38 6.71 2.19
C ILE A 360 7.10 6.64 3.02
N LEU A 361 6.69 5.43 3.38
CA LEU A 361 5.36 5.15 3.90
C LEU A 361 5.47 4.51 5.27
N ALA A 362 4.92 5.17 6.27
CA ALA A 362 4.72 4.58 7.60
C ALA A 362 3.21 4.46 7.77
N CYS A 363 2.64 3.33 7.36
CA CYS A 363 1.19 3.30 7.15
C CYS A 363 0.69 1.86 7.21
N PRO A 364 -0.60 1.67 7.48
CA PRO A 364 -1.19 0.33 7.44
C PRO A 364 -1.18 -0.27 6.04
N ALA A 365 -1.36 -1.60 6.00
CA ALA A 365 -1.30 -2.34 4.74
C ALA A 365 -2.24 -1.81 3.65
N PRO A 366 -3.53 -1.56 3.92
CA PRO A 366 -4.39 -1.08 2.82
C PRO A 366 -3.95 0.26 2.26
N ILE A 367 -3.38 1.13 3.10
CA ILE A 367 -2.88 2.40 2.61
C ILE A 367 -1.73 2.19 1.64
N ALA A 368 -0.85 1.23 1.94
CA ALA A 368 0.26 0.92 1.04
C ALA A 368 -0.27 0.40 -0.29
N VAL A 369 -1.27 -0.50 -0.24
CA VAL A 369 -1.88 -0.97 -1.49
C VAL A 369 -2.46 0.22 -2.27
N GLU A 370 -3.16 1.12 -1.59
CA GLU A 370 -3.80 2.24 -2.27
C GLU A 370 -2.76 3.16 -2.91
N VAL A 371 -1.62 3.36 -2.25
CA VAL A 371 -0.54 4.12 -2.87
C VAL A 371 -0.11 3.47 -4.17
N GLY A 372 0.11 2.16 -4.14
CA GLY A 372 0.48 1.46 -5.38
C GLY A 372 -0.59 1.56 -6.46
N ARG A 373 -1.85 1.44 -6.07
CA ARG A 373 -2.96 1.51 -7.01
C ARG A 373 -3.07 2.89 -7.64
N SER A 374 -2.62 3.94 -6.95
CA SER A 374 -2.82 5.29 -7.43
C SER A 374 -1.81 5.71 -8.49
N LEU A 375 -0.69 5.00 -8.61
CA LEU A 375 0.30 5.30 -9.64
C LEU A 375 -0.23 4.95 -11.03
N ILE A 376 0.12 5.77 -12.01
CA ILE A 376 -0.27 5.54 -13.40
C ILE A 376 1.00 5.51 -14.23
N GLU A 377 1.28 4.36 -14.85
CA GLU A 377 2.60 4.09 -15.39
C GLU A 377 3.07 5.20 -16.32
N LYS A 378 2.18 5.70 -17.15
CA LYS A 378 2.68 6.67 -18.10
C LYS A 378 2.62 8.09 -17.59
N ALA A 379 1.86 8.38 -16.54
CA ALA A 379 1.81 9.74 -16.05
C ALA A 379 2.86 10.02 -14.98
N ASP A 380 3.32 9.01 -14.28
CA ASP A 380 4.27 9.22 -13.22
C ASP A 380 5.63 8.67 -13.63
N PRO A 381 6.71 9.29 -13.20
CA PRO A 381 8.02 8.69 -13.43
C PRO A 381 8.21 7.49 -12.52
N GLU A 382 9.36 6.82 -12.62
CA GLU A 382 9.60 5.66 -11.76
C GLU A 382 9.45 6.05 -10.30
N ALA A 383 8.90 5.13 -9.51
CA ALA A 383 8.63 5.38 -8.10
C ALA A 383 9.47 4.43 -7.27
N HIS A 384 10.45 4.98 -6.56
CA HIS A 384 11.29 4.19 -5.69
C HIS A 384 10.62 4.00 -4.33
N VAL A 385 10.52 2.75 -3.88
CA VAL A 385 9.79 2.40 -2.67
C VAL A 385 10.78 1.92 -1.63
N TYR A 386 10.68 2.52 -0.43
CA TYR A 386 11.62 2.40 0.68
C TYR A 386 11.02 1.57 1.81
N GLU A 387 11.89 0.88 2.52
CA GLU A 387 11.49 0.23 3.77
C GLU A 387 12.19 0.92 4.93
N TYR A 388 11.57 0.84 6.10
CA TYR A 388 12.18 1.34 7.32
C TYR A 388 12.92 0.19 7.98
N LEU A 389 14.25 0.30 8.01
CA LEU A 389 15.10 -0.72 8.60
C LEU A 389 15.98 0.01 9.60
N SER A 390 15.53 0.04 10.86
CA SER A 390 16.09 0.79 11.98
C SER A 390 17.60 0.97 11.87
N PRO A 391 18.09 2.22 11.89
CA PRO A 391 17.29 3.42 12.13
C PRO A 391 16.97 4.25 10.89
N SER A 392 17.16 3.68 9.71
CA SER A 392 17.19 4.43 8.47
C SER A 392 16.15 3.90 7.49
N TYR A 393 16.01 4.60 6.35
CA TYR A 393 15.23 4.10 5.24
C TYR A 393 16.16 3.60 4.15
N ARG A 394 15.73 2.54 3.46
CA ARG A 394 16.49 1.93 2.39
C ARG A 394 15.57 1.65 1.20
N ARG A 395 16.05 1.97 0.01
CA ARG A 395 15.29 1.69 -1.20
C ARG A 395 15.28 0.20 -1.46
N VAL A 396 14.09 -0.35 -1.72
CA VAL A 396 14.05 -1.80 -1.91
C VAL A 396 13.46 -2.17 -3.26
N LEU A 397 12.56 -1.35 -3.82
CA LEU A 397 12.13 -1.72 -5.17
C LEU A 397 11.65 -0.48 -5.92
N THR A 398 11.38 -0.66 -7.22
CA THR A 398 10.97 0.46 -8.07
C THR A 398 9.74 0.04 -8.87
N ILE A 399 8.67 0.84 -8.76
CA ILE A 399 7.49 0.69 -9.60
C ILE A 399 7.70 1.48 -10.89
N ASN A 400 7.51 0.79 -12.02
CA ASN A 400 7.67 1.33 -13.37
C ASN A 400 9.08 1.88 -13.58
N PRO A 401 10.12 1.04 -13.47
CA PRO A 401 11.50 1.52 -13.56
C PRO A 401 11.84 2.10 -14.93
#